data_3WSJ
#
_entry.id   3WSJ
#
_cell.length_a   77.260
_cell.length_b   77.260
_cell.length_c   159.340
_cell.angle_alpha   90.00
_cell.angle_beta   90.00
_cell.angle_gamma   120.00
#
_symmetry.space_group_name_H-M   'P 63 2 2'
#
loop_
_entity.id
_entity.type
_entity.pdbx_description
1 polymer Protease
2 non-polymer 'N-[2(R)-HYDROXY-1(S)-INDANYL]-5-[(2(S)-TERTIARY BUTYLAMINOCARBONYL)-4(3-PYRIDYLMETHYL)PIPERAZINO]-4(S)-HYDROXY-2(R)-PHENYLMETHYLPENTANAMIDE'
3 non-polymer 'SULFATE ION'
4 non-polymer 'TETRAETHYLENE GLYCOL'
5 water water
#
_entity_poly.entity_id   1
_entity_poly.type   'polypeptide(L)'
_entity_poly.pdbx_seq_one_letter_code
;PVIPLDPARRPVIKAQVDTQTSHPKTIEALLDTGADMTVIPIALFSSNTPLKNTSVLGAGGQTQDHFKLTSLPVLIRLPF
RTTPIVLTSCLVDTKNNWAIIGRDALQQCQGVLYLP
;
_entity_poly.pdbx_strand_id   A,B
#
# COMPACT_ATOMS: atom_id res chain seq x y z
N PRO A 1 3.97 18.09 -7.71
CA PRO A 1 4.70 18.19 -6.45
C PRO A 1 5.47 16.92 -6.10
N VAL A 2 6.53 17.09 -5.31
CA VAL A 2 7.30 15.97 -4.81
C VAL A 2 6.87 15.64 -3.38
N ILE A 3 6.44 14.40 -3.17
CA ILE A 3 5.93 13.98 -1.87
C ILE A 3 6.91 13.03 -1.17
N PRO A 4 7.55 13.51 -0.10
CA PRO A 4 8.52 12.71 0.65
C PRO A 4 7.85 11.54 1.37
N LEU A 5 8.57 10.42 1.46
CA LEU A 5 8.05 9.22 2.10
C LEU A 5 8.55 9.13 3.55
N ASP A 6 7.60 9.00 4.47
CA ASP A 6 7.84 9.21 5.89
C ASP A 6 6.94 8.26 6.67
N PRO A 7 7.53 7.35 7.45
CA PRO A 7 6.76 6.37 8.22
C PRO A 7 5.78 7.01 9.21
N ALA A 8 6.05 8.24 9.60
CA ALA A 8 5.22 8.94 10.60
C ALA A 8 4.17 9.82 9.95
N ARG A 9 4.35 10.12 8.67
CA ARG A 9 3.43 10.98 7.95
C ARG A 9 3.02 10.37 6.61
N ARG A 10 1.79 9.86 6.55
CA ARG A 10 1.28 9.21 5.34
C ARG A 10 1.13 10.17 4.17
N PRO A 11 1.49 9.71 2.96
CA PRO A 11 1.35 10.50 1.74
C PRO A 11 -0.11 10.58 1.33
N VAL A 12 -0.81 11.60 1.79
CA VAL A 12 -2.22 11.75 1.48
C VAL A 12 -2.45 12.85 0.45
N ILE A 13 -3.65 12.88 -0.11
CA ILE A 13 -4.02 13.92 -1.05
C ILE A 13 -5.50 14.24 -0.92
N LYS A 14 -5.87 15.48 -1.24
CA LYS A 14 -7.28 15.86 -1.30
C LYS A 14 -7.78 15.64 -2.72
N ALA A 15 -8.75 14.75 -2.87
CA ALA A 15 -9.23 14.38 -4.20
C ALA A 15 -10.75 14.45 -4.30
N GLN A 16 -11.24 15.10 -5.35
CA GLN A 16 -12.68 15.17 -5.59
C GLN A 16 -13.14 13.91 -6.33
N VAL A 17 -14.00 13.14 -5.69
CA VAL A 17 -14.47 11.88 -6.24
C VAL A 17 -15.89 11.99 -6.77
N ASP A 18 -16.07 11.57 -8.03
CA ASP A 18 -17.38 11.55 -8.66
C ASP A 18 -17.82 10.10 -8.85
N THR A 19 -18.72 9.64 -8.00
CA THR A 19 -19.22 8.27 -8.07
C THR A 19 -20.33 8.13 -9.11
N GLN A 20 -20.80 9.27 -9.62
CA GLN A 20 -21.90 9.33 -10.60
C GLN A 20 -23.20 8.76 -10.04
N THR A 21 -23.31 8.71 -8.72
CA THR A 21 -24.52 8.25 -8.05
C THR A 21 -24.99 9.33 -7.09
N SER A 22 -24.14 10.34 -6.90
CA SER A 22 -24.46 11.49 -6.08
C SER A 22 -23.48 12.61 -6.40
N HIS A 23 -23.63 13.76 -5.74
CA HIS A 23 -22.79 14.91 -6.02
C HIS A 23 -21.34 14.65 -5.66
N PRO A 24 -20.42 15.12 -6.51
CA PRO A 24 -18.96 14.96 -6.33
C PRO A 24 -18.51 15.54 -4.99
N LYS A 25 -17.69 14.78 -4.26
CA LYS A 25 -17.21 15.23 -2.96
C LYS A 25 -15.70 15.07 -2.82
N THR A 26 -15.11 16.01 -2.09
CA THR A 26 -13.66 16.02 -1.87
C THR A 26 -13.31 15.24 -0.62
N ILE A 27 -12.45 14.25 -0.76
CA ILE A 27 -12.00 13.45 0.37
C ILE A 27 -10.48 13.47 0.47
N GLU A 28 -9.96 13.01 1.60
CA GLU A 28 -8.54 12.81 1.75
C GLU A 28 -8.22 11.35 1.46
N ALA A 29 -7.30 11.12 0.55
CA ALA A 29 -7.00 9.76 0.12
C ALA A 29 -5.52 9.42 0.27
N LEU A 30 -5.26 8.18 0.67
CA LEU A 30 -3.89 7.69 0.80
C LEU A 30 -3.30 7.36 -0.56
N LEU A 31 -2.15 7.95 -0.88
CA LEU A 31 -1.43 7.62 -2.08
C LEU A 31 -0.66 6.32 -1.86
N ASP A 32 -1.04 5.28 -2.60
CA ASP A 32 -0.61 3.92 -2.27
C ASP A 32 -0.12 3.14 -3.49
N THR A 33 1.20 3.02 -3.62
CA THR A 33 1.79 2.29 -4.74
C THR A 33 1.61 0.78 -4.59
N GLY A 34 1.22 0.34 -3.40
CA GLY A 34 1.01 -1.07 -3.13
C GLY A 34 -0.41 -1.52 -3.41
N ALA A 35 -1.27 -0.58 -3.80
CA ALA A 35 -2.66 -0.90 -4.11
C ALA A 35 -2.84 -1.08 -5.62
N ASP A 36 -3.34 -2.25 -6.02
CA ASP A 36 -3.61 -2.52 -7.42
C ASP A 36 -4.79 -1.68 -7.89
N MET A 37 -5.75 -1.48 -7.00
CA MET A 37 -6.99 -0.78 -7.34
C MET A 37 -7.32 0.27 -6.29
N THR A 38 -8.06 1.29 -6.71
CA THR A 38 -8.45 2.39 -5.85
C THR A 38 -9.61 2.00 -4.93
N VAL A 39 -9.60 2.50 -3.70
CA VAL A 39 -10.71 2.30 -2.77
C VAL A 39 -11.34 3.63 -2.40
N ILE A 40 -12.67 3.69 -2.42
CA ILE A 40 -13.38 4.87 -1.96
C ILE A 40 -14.43 4.50 -0.93
N PRO A 41 -14.70 5.42 0.03
CA PRO A 41 -15.70 5.16 1.08
C PRO A 41 -17.09 5.02 0.49
N ILE A 42 -17.92 4.18 1.12
CA ILE A 42 -19.29 3.98 0.65
C ILE A 42 -20.16 5.20 0.96
N ALA A 43 -19.62 6.09 1.78
CA ALA A 43 -20.34 7.31 2.16
C ALA A 43 -20.62 8.21 0.97
N LEU A 44 -19.77 8.13 -0.06
CA LEU A 44 -19.88 8.99 -1.23
C LEU A 44 -21.05 8.59 -2.14
N PHE A 45 -21.60 7.41 -1.91
CA PHE A 45 -22.69 6.90 -2.74
C PHE A 45 -24.06 7.18 -2.11
N SER A 46 -25.11 6.83 -2.84
CA SER A 46 -26.47 6.92 -2.32
C SER A 46 -26.92 5.55 -1.83
N SER A 47 -28.03 5.52 -1.10
CA SER A 47 -28.50 4.29 -0.46
C SER A 47 -29.06 3.27 -1.45
N ASN A 48 -29.41 3.72 -2.65
CA ASN A 48 -30.03 2.85 -3.65
C ASN A 48 -29.07 2.36 -4.73
N THR A 49 -27.81 2.76 -4.61
CA THR A 49 -26.80 2.39 -5.61
C THR A 49 -26.45 0.91 -5.57
N PRO A 50 -26.58 0.23 -6.73
CA PRO A 50 -26.21 -1.18 -6.84
C PRO A 50 -24.69 -1.36 -6.91
N LEU A 51 -24.17 -2.29 -6.12
CA LEU A 51 -22.74 -2.58 -6.10
C LEU A 51 -22.51 -4.09 -6.22
N LYS A 52 -21.39 -4.46 -6.82
CA LYS A 52 -21.06 -5.87 -7.01
C LYS A 52 -20.31 -6.44 -5.80
N ASN A 53 -20.64 -7.67 -5.43
CA ASN A 53 -19.90 -8.37 -4.39
C ASN A 53 -18.64 -9.01 -4.97
N THR A 54 -17.58 -9.09 -4.18
CA THR A 54 -16.32 -9.60 -4.68
C THR A 54 -15.40 -10.08 -3.56
N SER A 55 -14.20 -10.53 -3.94
CA SER A 55 -13.19 -10.98 -2.98
C SER A 55 -11.89 -10.23 -3.19
N VAL A 56 -11.36 -9.63 -2.13
CA VAL A 56 -10.13 -8.86 -2.20
C VAL A 56 -9.15 -9.24 -1.09
N LEU A 57 -7.95 -9.64 -1.47
CA LEU A 57 -6.91 -9.99 -0.52
C LEU A 57 -6.40 -8.77 0.23
N GLY A 58 -6.38 -8.87 1.56
CA GLY A 58 -5.89 -7.78 2.39
C GLY A 58 -5.03 -8.31 3.52
N ALA A 59 -4.56 -7.40 4.37
CA ALA A 59 -3.67 -7.77 5.47
C ALA A 59 -4.34 -8.76 6.44
N GLY A 60 -5.55 -8.45 6.87
CA GLY A 60 -6.28 -9.29 7.79
C GLY A 60 -6.81 -10.57 7.15
N GLY A 61 -5.91 -11.41 6.67
CA GLY A 61 -6.28 -12.67 6.06
C GLY A 61 -6.87 -12.51 4.67
N GLN A 62 -8.11 -12.96 4.51
CA GLN A 62 -8.81 -12.85 3.24
C GLN A 62 -10.27 -12.48 3.46
N THR A 63 -10.66 -11.31 2.95
CA THR A 63 -12.02 -10.81 3.15
C THR A 63 -12.82 -10.76 1.85
N GLN A 64 -14.14 -10.89 1.98
CA GLN A 64 -15.03 -10.85 0.83
C GLN A 64 -16.36 -10.20 1.21
N ASP A 65 -16.37 -9.54 2.37
CA ASP A 65 -17.56 -8.84 2.85
C ASP A 65 -17.28 -7.34 2.88
N HIS A 66 -16.02 -7.00 3.16
CA HIS A 66 -15.58 -5.61 3.27
C HIS A 66 -15.87 -4.80 2.02
N PHE A 67 -15.22 -5.18 0.92
CA PHE A 67 -15.20 -4.36 -0.29
C PHE A 67 -16.22 -4.81 -1.34
N LYS A 68 -16.80 -3.84 -2.03
CA LYS A 68 -17.66 -4.09 -3.16
C LYS A 68 -17.11 -3.38 -4.39
N LEU A 69 -17.56 -3.78 -5.57
CA LEU A 69 -17.17 -3.11 -6.80
C LEU A 69 -18.23 -2.12 -7.25
N THR A 70 -17.81 -1.01 -7.82
CA THR A 70 -18.74 -0.04 -8.38
C THR A 70 -19.42 -0.60 -9.62
N SER A 71 -20.60 -0.09 -9.93
CA SER A 71 -21.31 -0.49 -11.14
C SER A 71 -21.02 0.50 -12.26
N LEU A 72 -20.82 1.75 -11.89
CA LEU A 72 -20.50 2.80 -12.84
C LEU A 72 -19.05 3.23 -12.65
N PRO A 73 -18.42 3.74 -13.72
CA PRO A 73 -17.07 4.31 -13.60
C PRO A 73 -16.99 5.44 -12.59
N VAL A 74 -15.78 5.67 -12.07
CA VAL A 74 -15.56 6.69 -11.04
C VAL A 74 -14.59 7.73 -11.55
N LEU A 75 -14.92 9.01 -11.37
CA LEU A 75 -14.03 10.08 -11.81
C LEU A 75 -13.39 10.77 -10.62
N ILE A 76 -12.08 10.94 -10.68
CA ILE A 76 -11.33 11.57 -9.61
C ILE A 76 -10.52 12.74 -10.13
N ARG A 77 -10.66 13.89 -9.48
CA ARG A 77 -9.89 15.07 -9.86
C ARG A 77 -8.92 15.49 -8.76
N LEU A 78 -7.68 15.74 -9.14
CA LEU A 78 -6.65 16.17 -8.20
C LEU A 78 -6.68 17.70 -8.07
N PRO A 79 -6.04 18.26 -7.02
CA PRO A 79 -5.99 19.71 -6.85
C PRO A 79 -5.44 20.44 -8.07
N PHE A 80 -6.08 21.56 -8.44
CA PHE A 80 -5.66 22.38 -9.56
C PHE A 80 -5.68 21.63 -10.90
N ARG A 81 -6.50 20.58 -10.97
CA ARG A 81 -6.61 19.78 -12.19
C ARG A 81 -8.07 19.61 -12.59
N THR A 82 -8.38 19.90 -13.86
CA THR A 82 -9.75 19.79 -14.35
C THR A 82 -10.01 18.45 -15.02
N THR A 83 -9.03 17.96 -15.78
CA THR A 83 -9.18 16.68 -16.46
C THR A 83 -9.14 15.54 -15.44
N PRO A 84 -10.21 14.74 -15.40
CA PRO A 84 -10.39 13.73 -14.35
C PRO A 84 -9.68 12.41 -14.63
N ILE A 85 -9.26 11.75 -13.56
CA ILE A 85 -8.86 10.35 -13.65
C ILE A 85 -10.14 9.56 -13.83
N VAL A 86 -10.16 8.65 -14.80
CA VAL A 86 -11.34 7.83 -15.02
C VAL A 86 -11.04 6.37 -14.75
N LEU A 87 -11.73 5.81 -13.76
CA LEU A 87 -11.56 4.40 -13.41
C LEU A 87 -12.82 3.66 -13.82
N THR A 88 -12.66 2.60 -14.62
CA THR A 88 -13.79 1.82 -15.11
C THR A 88 -14.53 1.21 -13.94
N SER A 89 -13.78 0.80 -12.93
CA SER A 89 -14.35 0.26 -11.70
CA SER A 89 -14.35 0.26 -11.70
C SER A 89 -13.32 0.31 -10.59
N CYS A 90 -13.77 0.53 -9.35
CA CYS A 90 -12.87 0.52 -8.22
C CYS A 90 -13.57 0.01 -6.97
N LEU A 91 -12.79 -0.32 -5.94
CA LEU A 91 -13.32 -0.93 -4.74
C LEU A 91 -14.07 0.06 -3.87
N VAL A 92 -15.05 -0.45 -3.12
CA VAL A 92 -15.83 0.37 -2.22
C VAL A 92 -15.78 -0.20 -0.82
N ASP A 93 -15.13 0.52 0.10
CA ASP A 93 -15.07 0.09 1.49
C ASP A 93 -16.39 0.36 2.19
N THR A 94 -17.10 -0.71 2.52
CA THR A 94 -18.43 -0.59 3.12
C THR A 94 -18.37 -0.56 4.63
N LYS A 95 -17.17 -0.61 5.19
CA LYS A 95 -17.01 -0.64 6.64
C LYS A 95 -16.31 0.60 7.20
N ASN A 96 -14.99 0.63 7.12
CA ASN A 96 -14.21 1.69 7.75
C ASN A 96 -14.08 2.95 6.90
N ASN A 97 -14.71 2.96 5.74
CA ASN A 97 -14.66 4.10 4.83
C ASN A 97 -13.25 4.57 4.50
N TRP A 98 -12.43 3.65 4.00
CA TRP A 98 -11.08 3.98 3.59
C TRP A 98 -11.07 4.73 2.26
N ALA A 99 -10.06 5.57 2.07
CA ALA A 99 -9.86 6.24 0.80
C ALA A 99 -8.44 5.99 0.33
N ILE A 100 -8.30 5.16 -0.68
CA ILE A 100 -6.97 4.78 -1.17
C ILE A 100 -6.85 4.97 -2.67
N ILE A 101 -5.86 5.76 -3.08
CA ILE A 101 -5.57 5.94 -4.50
CA ILE A 101 -5.56 5.95 -4.50
C ILE A 101 -4.53 4.92 -4.95
N GLY A 102 -4.99 3.93 -5.73
CA GLY A 102 -4.13 2.86 -6.19
C GLY A 102 -3.36 3.20 -7.45
N ARG A 103 -2.66 2.21 -7.98
CA ARG A 103 -1.82 2.42 -9.16
C ARG A 103 -2.63 2.61 -10.45
N ASP A 104 -3.89 2.17 -10.41
CA ASP A 104 -4.79 2.41 -11.53
C ASP A 104 -4.97 3.92 -11.75
N ALA A 105 -5.17 4.65 -10.67
CA ALA A 105 -5.32 6.11 -10.74
C ALA A 105 -3.97 6.81 -10.90
N LEU A 106 -2.96 6.28 -10.20
CA LEU A 106 -1.62 6.87 -10.24
C LEU A 106 -1.01 6.82 -11.64
N GLN A 107 -1.41 5.83 -12.42
CA GLN A 107 -0.94 5.71 -13.79
C GLN A 107 -1.47 6.84 -14.66
N GLN A 108 -2.74 7.21 -14.45
CA GLN A 108 -3.39 8.21 -15.30
C GLN A 108 -2.90 9.62 -15.02
N CYS A 109 -2.38 9.87 -13.82
CA CYS A 109 -1.76 11.15 -13.53
C CYS A 109 -0.25 11.06 -13.70
N GLN A 110 0.21 9.94 -14.26
CA GLN A 110 1.61 9.71 -14.54
C GLN A 110 2.50 9.84 -13.31
N GLY A 111 2.01 9.34 -12.18
CA GLY A 111 2.77 9.36 -10.95
C GLY A 111 3.85 8.30 -10.99
N VAL A 112 4.99 8.60 -10.37
CA VAL A 112 6.09 7.65 -10.33
C VAL A 112 6.72 7.56 -8.94
N LEU A 113 7.33 6.41 -8.66
CA LEU A 113 8.14 6.26 -7.46
C LEU A 113 9.58 6.52 -7.86
N TYR A 114 10.26 7.38 -7.11
CA TYR A 114 11.65 7.69 -7.40
C TYR A 114 12.55 7.37 -6.21
N LEU A 115 13.57 6.55 -6.47
CA LEU A 115 14.58 6.23 -5.48
C LEU A 115 15.91 6.77 -5.94
N PRO A 116 16.44 7.79 -5.22
CA PRO A 116 17.71 8.43 -5.57
C PRO A 116 18.87 7.45 -5.72
N PRO B 1 16.37 4.93 -9.34
CA PRO B 1 15.71 4.92 -10.65
C PRO B 1 14.26 5.39 -10.56
N VAL B 2 13.72 5.87 -11.67
CA VAL B 2 12.32 6.22 -11.73
C VAL B 2 11.50 4.95 -11.97
N ILE B 3 10.50 4.73 -11.12
CA ILE B 3 9.70 3.51 -11.20
C ILE B 3 8.25 3.83 -11.56
N PRO B 4 7.85 3.46 -12.79
CA PRO B 4 6.51 3.73 -13.29
C PRO B 4 5.44 2.98 -12.50
N LEU B 5 4.24 3.55 -12.41
CA LEU B 5 3.16 2.94 -11.66
C LEU B 5 2.09 2.38 -12.60
N ASP B 6 1.86 1.09 -12.48
CA ASP B 6 1.01 0.35 -13.41
C ASP B 6 0.14 -0.61 -12.62
N PRO B 7 -1.19 -0.47 -12.73
CA PRO B 7 -2.13 -1.37 -12.04
C PRO B 7 -1.87 -2.85 -12.35
N ALA B 8 -1.42 -3.13 -13.57
CA ALA B 8 -1.20 -4.50 -14.01
C ALA B 8 0.17 -5.04 -13.64
N ARG B 9 1.08 -4.15 -13.28
CA ARG B 9 2.45 -4.55 -12.94
C ARG B 9 2.89 -3.94 -11.61
N ARG B 10 2.91 -4.77 -10.58
CA ARG B 10 3.33 -4.33 -9.25
C ARG B 10 4.77 -3.85 -9.22
N PRO B 11 5.03 -2.73 -8.54
CA PRO B 11 6.39 -2.19 -8.43
C PRO B 11 7.20 -2.98 -7.41
N VAL B 12 7.79 -4.08 -7.86
CA VAL B 12 8.56 -4.95 -6.99
C VAL B 12 10.05 -4.74 -7.19
N ILE B 13 10.85 -5.15 -6.21
CA ILE B 13 12.29 -4.96 -6.29
C ILE B 13 13.02 -6.10 -5.56
N LYS B 14 14.23 -6.40 -6.02
CA LYS B 14 15.07 -7.39 -5.36
C LYS B 14 15.70 -6.74 -4.14
N ALA B 15 15.60 -7.40 -2.99
CA ALA B 15 16.16 -6.86 -1.75
C ALA B 15 16.86 -7.95 -0.96
N GLN B 16 18.09 -7.68 -0.57
CA GLN B 16 18.82 -8.60 0.30
C GLN B 16 18.52 -8.27 1.76
N VAL B 17 17.87 -9.20 2.45
CA VAL B 17 17.43 -8.97 3.81
C VAL B 17 18.28 -9.75 4.81
N ASP B 18 18.80 -9.03 5.80
CA ASP B 18 19.57 -9.64 6.88
C ASP B 18 18.76 -9.53 8.17
N THR B 19 18.21 -10.65 8.62
CA THR B 19 17.43 -10.69 9.85
C THR B 19 18.32 -10.94 11.06
N GLN B 20 19.62 -11.08 10.81
CA GLN B 20 20.62 -11.32 11.85
C GLN B 20 20.43 -12.64 12.62
N THR B 21 19.56 -13.49 12.11
CA THR B 21 19.34 -14.81 12.70
C THR B 21 19.93 -15.90 11.81
N SER B 22 20.03 -15.59 10.52
CA SER B 22 20.67 -16.49 9.57
C SER B 22 21.41 -15.66 8.54
N HIS B 23 21.89 -16.30 7.48
CA HIS B 23 22.61 -15.58 6.43
C HIS B 23 21.64 -14.72 5.62
N PRO B 24 22.12 -13.56 5.12
CA PRO B 24 21.30 -12.66 4.32
C PRO B 24 20.71 -13.34 3.09
N LYS B 25 19.45 -13.06 2.80
CA LYS B 25 18.76 -13.68 1.68
C LYS B 25 18.10 -12.64 0.76
N THR B 26 18.03 -12.96 -0.52
CA THR B 26 17.41 -12.08 -1.49
C THR B 26 15.94 -12.44 -1.69
N ILE B 27 15.08 -11.44 -1.59
CA ILE B 27 13.65 -11.62 -1.79
C ILE B 27 13.14 -10.59 -2.77
N GLU B 28 11.91 -10.79 -3.25
CA GLU B 28 11.26 -9.80 -4.10
C GLU B 28 10.21 -9.08 -3.27
N ALA B 29 10.37 -7.77 -3.11
CA ALA B 29 9.49 -7.03 -2.21
C ALA B 29 8.69 -5.93 -2.92
N LEU B 30 7.47 -5.74 -2.45
CA LEU B 30 6.58 -4.72 -2.99
C LEU B 30 6.92 -3.34 -2.45
N LEU B 31 7.18 -2.41 -3.35
CA LEU B 31 7.40 -1.01 -2.96
C LEU B 31 6.04 -0.38 -2.66
N ASP B 32 5.81 -0.07 -1.39
CA ASP B 32 4.47 0.27 -0.93
C ASP B 32 4.46 1.56 -0.11
N THR B 33 4.08 2.66 -0.75
CA THR B 33 3.99 3.95 -0.09
C THR B 33 2.84 3.99 0.91
N GLY B 34 1.88 3.09 0.74
CA GLY B 34 0.74 3.02 1.65
C GLY B 34 1.03 2.24 2.92
N ALA B 35 2.23 1.67 3.00
CA ALA B 35 2.62 0.89 4.19
C ALA B 35 3.47 1.73 5.14
N ASP B 36 2.99 1.90 6.36
CA ASP B 36 3.74 2.62 7.39
C ASP B 36 5.05 1.91 7.71
N MET B 37 5.02 0.58 7.68
CA MET B 37 6.14 -0.21 8.17
C MET B 37 6.41 -1.39 7.25
N THR B 38 7.67 -1.82 7.21
CA THR B 38 8.11 -2.92 6.36
C THR B 38 7.64 -4.28 6.88
N VAL B 39 7.31 -5.18 5.97
CA VAL B 39 6.91 -6.54 6.31
C VAL B 39 7.81 -7.55 5.59
N ILE B 40 8.35 -8.52 6.32
CA ILE B 40 9.17 -9.56 5.72
C ILE B 40 8.62 -10.95 6.06
N PRO B 41 8.89 -11.94 5.18
CA PRO B 41 8.39 -13.31 5.37
C PRO B 41 9.03 -14.03 6.56
N ILE B 42 8.24 -14.83 7.26
CA ILE B 42 8.73 -15.64 8.37
C ILE B 42 9.79 -16.64 7.89
N ALA B 43 9.74 -16.99 6.61
CA ALA B 43 10.68 -17.94 6.02
C ALA B 43 12.13 -17.47 6.07
N LEU B 44 12.34 -16.18 6.29
CA LEU B 44 13.70 -15.63 6.38
C LEU B 44 14.36 -15.98 7.71
N PHE B 45 13.55 -16.39 8.68
CA PHE B 45 14.03 -16.64 10.03
C PHE B 45 14.28 -18.10 10.31
N SER B 46 15.06 -18.38 11.36
CA SER B 46 15.30 -19.74 11.81
C SER B 46 14.12 -20.19 12.68
N SER B 47 14.22 -21.41 13.21
CA SER B 47 13.12 -21.99 13.96
C SER B 47 13.10 -21.56 15.43
N ASN B 48 14.23 -21.09 15.94
CA ASN B 48 14.33 -20.74 17.35
C ASN B 48 14.32 -19.23 17.61
N THR B 49 13.90 -18.46 16.61
CA THR B 49 13.89 -17.01 16.72
C THR B 49 12.68 -16.49 17.50
N PRO B 50 12.92 -15.73 18.57
CA PRO B 50 11.85 -15.09 19.34
C PRO B 50 11.34 -13.81 18.67
N LEU B 51 10.02 -13.63 18.70
CA LEU B 51 9.40 -12.44 18.10
C LEU B 51 8.34 -11.88 19.05
N LYS B 52 8.13 -10.57 19.00
CA LYS B 52 7.11 -9.93 19.82
C LYS B 52 5.73 -10.07 19.18
N ASN B 53 4.70 -10.12 20.01
CA ASN B 53 3.33 -10.13 19.51
C ASN B 53 2.84 -8.73 19.18
N THR B 54 1.84 -8.63 18.33
CA THR B 54 1.26 -7.33 17.99
C THR B 54 -0.07 -7.46 17.25
N SER B 55 -0.77 -6.34 17.12
CA SER B 55 -2.01 -6.28 16.36
C SER B 55 -1.95 -5.11 15.39
N VAL B 56 -2.04 -5.41 14.09
CA VAL B 56 -1.88 -4.39 13.06
C VAL B 56 -3.21 -4.13 12.34
N LEU B 57 -3.40 -2.90 11.87
CA LEU B 57 -4.60 -2.53 11.14
C LEU B 57 -4.47 -2.94 9.68
N GLY B 58 -5.41 -3.75 9.21
CA GLY B 58 -5.40 -4.22 7.84
C GLY B 58 -6.76 -4.13 7.18
N ALA B 59 -6.87 -4.63 5.95
CA ALA B 59 -8.10 -4.58 5.18
C ALA B 59 -9.26 -5.27 5.90
N GLY B 60 -8.94 -6.33 6.63
CA GLY B 60 -9.93 -7.03 7.43
C GLY B 60 -10.01 -6.47 8.83
N GLY B 61 -9.62 -5.20 8.97
CA GLY B 61 -9.61 -4.55 10.27
C GLY B 61 -8.35 -4.89 11.05
N GLN B 62 -8.54 -5.39 12.26
CA GLN B 62 -7.41 -5.79 13.10
C GLN B 62 -7.05 -7.26 12.90
N THR B 63 -5.80 -7.51 12.53
CA THR B 63 -5.29 -8.87 12.43
C THR B 63 -4.43 -9.21 13.64
N GLN B 64 -5.06 -9.71 14.69
CA GLN B 64 -4.39 -9.98 15.96
C GLN B 64 -3.52 -11.23 15.91
N ASP B 65 -3.22 -11.72 14.72
CA ASP B 65 -2.54 -12.99 14.58
C ASP B 65 -1.19 -12.94 13.86
N HIS B 66 -1.22 -12.98 12.53
CA HIS B 66 -0.04 -13.36 11.75
C HIS B 66 1.01 -12.27 11.51
N PHE B 67 1.00 -11.21 12.32
CA PHE B 67 2.07 -10.23 12.25
C PHE B 67 2.82 -10.13 13.57
N LYS B 68 4.14 -10.22 13.49
CA LYS B 68 4.99 -10.11 14.68
C LYS B 68 6.11 -9.09 14.44
N LEU B 69 6.65 -8.55 15.53
CA LEU B 69 7.80 -7.64 15.44
C LEU B 69 9.09 -8.39 15.73
N THR B 70 10.16 -8.00 15.05
CA THR B 70 11.48 -8.53 15.36
C THR B 70 11.99 -7.87 16.63
N SER B 71 12.80 -8.59 17.39
CA SER B 71 13.44 -8.03 18.58
C SER B 71 14.65 -7.22 18.15
N LEU B 72 15.35 -7.72 17.14
CA LEU B 72 16.56 -7.09 16.64
C LEU B 72 16.30 -6.32 15.36
N PRO B 73 17.15 -5.33 15.05
CA PRO B 73 17.06 -4.60 13.80
C PRO B 73 17.16 -5.51 12.57
N VAL B 74 16.66 -5.02 11.44
CA VAL B 74 16.71 -5.74 10.19
C VAL B 74 17.44 -4.89 9.16
N LEU B 75 18.40 -5.49 8.46
CA LEU B 75 19.16 -4.77 7.45
C LEU B 75 18.74 -5.17 6.06
N ILE B 76 18.53 -4.19 5.19
CA ILE B 76 18.06 -4.44 3.83
C ILE B 76 18.93 -3.73 2.81
N ARG B 77 19.42 -4.47 1.83
CA ARG B 77 20.23 -3.90 0.77
C ARG B 77 19.53 -3.94 -0.59
N LEU B 78 19.51 -2.79 -1.26
CA LEU B 78 18.93 -2.67 -2.59
C LEU B 78 20.02 -2.93 -3.64
N PRO B 79 19.63 -3.30 -4.86
CA PRO B 79 20.60 -3.68 -5.91
C PRO B 79 21.66 -2.62 -6.19
N PHE B 80 21.23 -1.37 -6.34
CA PHE B 80 22.13 -0.29 -6.73
C PHE B 80 22.86 0.35 -5.54
N ARG B 81 22.69 -0.23 -4.35
CA ARG B 81 23.24 0.35 -3.14
C ARG B 81 24.17 -0.59 -2.38
N THR B 82 25.26 -0.03 -1.85
CA THR B 82 26.20 -0.78 -1.02
C THR B 82 25.82 -0.64 0.44
N THR B 83 25.46 0.58 0.84
CA THR B 83 25.05 0.86 2.21
C THR B 83 23.63 0.38 2.46
N PRO B 84 23.40 -0.29 3.60
CA PRO B 84 22.12 -0.94 3.86
C PRO B 84 21.09 -0.01 4.50
N ILE B 85 19.81 -0.35 4.32
CA ILE B 85 18.75 0.21 5.12
C ILE B 85 18.78 -0.51 6.46
N VAL B 86 18.65 0.21 7.56
CA VAL B 86 18.64 -0.42 8.87
C VAL B 86 17.37 -0.07 9.63
N LEU B 87 16.45 -1.02 9.70
CA LEU B 87 15.20 -0.80 10.41
C LEU B 87 15.36 -1.25 11.86
N THR B 88 14.96 -0.39 12.79
CA THR B 88 15.06 -0.71 14.22
C THR B 88 14.25 -1.96 14.52
N SER B 89 13.09 -2.03 13.90
CA SER B 89 12.25 -3.22 13.95
C SER B 89 11.37 -3.21 12.72
N CYS B 90 10.82 -4.36 12.35
CA CYS B 90 9.85 -4.41 11.27
C CYS B 90 8.93 -5.60 11.44
N LEU B 91 7.83 -5.60 10.69
CA LEU B 91 6.82 -6.63 10.82
C LEU B 91 7.25 -7.93 10.16
N VAL B 92 6.80 -9.05 10.73
CA VAL B 92 7.06 -10.36 10.18
C VAL B 92 5.74 -11.06 9.89
N ASP B 93 5.53 -11.44 8.63
CA ASP B 93 4.32 -12.15 8.22
C ASP B 93 4.51 -13.64 8.45
N THR B 94 3.69 -14.20 9.33
CA THR B 94 3.82 -15.61 9.71
C THR B 94 2.86 -16.54 8.99
N LYS B 95 1.73 -16.00 8.51
CA LYS B 95 0.78 -16.80 7.76
C LYS B 95 1.29 -17.00 6.34
N ASN B 96 1.18 -15.94 5.54
CA ASN B 96 1.73 -15.95 4.19
C ASN B 96 3.21 -15.63 4.25
N ASN B 97 3.73 -15.09 3.15
CA ASN B 97 5.13 -14.70 3.09
CA ASN B 97 5.13 -14.67 3.11
C ASN B 97 5.29 -13.35 2.38
N TRP B 98 4.41 -12.41 2.71
CA TRP B 98 4.44 -11.09 2.11
C TRP B 98 5.78 -10.40 2.32
N ALA B 99 6.21 -9.67 1.30
CA ALA B 99 7.44 -8.90 1.36
C ALA B 99 7.13 -7.48 0.92
N ILE B 100 7.14 -6.56 1.87
CA ILE B 100 6.68 -5.19 1.60
C ILE B 100 7.68 -4.17 2.13
N ILE B 101 8.25 -3.38 1.22
CA ILE B 101 9.09 -2.26 1.60
C ILE B 101 8.22 -1.05 1.94
N GLY B 102 8.11 -0.74 3.22
CA GLY B 102 7.28 0.36 3.68
C GLY B 102 8.02 1.68 3.71
N ARG B 103 7.32 2.73 4.16
CA ARG B 103 7.90 4.08 4.16
C ARG B 103 9.04 4.24 5.16
N ASP B 104 9.10 3.35 6.15
CA ASP B 104 10.21 3.34 7.09
C ASP B 104 11.51 3.10 6.33
N ALA B 105 11.48 2.18 5.37
CA ALA B 105 12.65 1.86 4.57
C ALA B 105 12.85 2.88 3.45
N LEU B 106 11.76 3.29 2.83
CA LEU B 106 11.79 4.23 1.72
C LEU B 106 12.35 5.59 2.14
N GLN B 107 12.06 6.02 3.36
CA GLN B 107 12.62 7.26 3.88
C GLN B 107 14.15 7.19 3.95
N GLN B 108 14.66 6.04 4.37
CA GLN B 108 16.09 5.86 4.53
C GLN B 108 16.87 5.94 3.22
N CYS B 109 16.29 5.46 2.13
CA CYS B 109 16.92 5.68 0.82
C CYS B 109 16.38 6.92 0.14
N GLN B 110 15.74 7.77 0.95
CA GLN B 110 15.30 9.10 0.52
C GLN B 110 14.38 9.07 -0.69
N GLY B 111 13.56 8.02 -0.78
CA GLY B 111 12.63 7.88 -1.88
C GLY B 111 11.47 8.86 -1.78
N VAL B 112 10.98 9.32 -2.92
CA VAL B 112 9.84 10.22 -2.93
C VAL B 112 8.76 9.72 -3.88
N LEU B 113 7.55 10.21 -3.69
CA LEU B 113 6.47 10.00 -4.65
C LEU B 113 6.35 11.27 -5.47
N TYR B 114 6.31 11.15 -6.80
CA TYR B 114 6.21 12.32 -7.65
C TYR B 114 4.99 12.30 -8.56
N LEU B 115 4.13 13.30 -8.40
CA LEU B 115 2.98 13.50 -9.26
C LEU B 115 3.19 14.79 -10.04
N PRO B 116 3.30 14.70 -11.38
CA PRO B 116 3.58 15.82 -12.29
C PRO B 116 2.67 17.03 -12.04
#